data_2RKV
#
_entry.id   2RKV
#
_cell.length_a   123.113
_cell.length_b   123.113
_cell.length_c   81.270
_cell.angle_alpha   90.00
_cell.angle_beta   90.00
_cell.angle_gamma   90.00
#
_symmetry.space_group_name_H-M   'P 4 21 2'
#
loop_
_entity.id
_entity.type
_entity.pdbx_description
1 polymer 'Trichothecene 3-O-acetyltransferase'
2 non-polymer 'COENZYME A'
3 non-polymer '3[N-MORPHOLINO]PROPANE SULFONIC ACID'
4 non-polymer 12,13-Epoxytrichothec-9-ene-3,4,8,15-tetrol-4,15-diacetate-8-isovalerate
5 water water
#
_entity_poly.entity_id   1
_entity_poly.type   'polypeptide(L)'
_entity_poly.pdbx_seq_one_letter_code
;MAFKIQLDTLGQLPGLLSIYTQISLLYPVSDSSQYPTIVSTFEQGLKRFSEAVPWVAGQVKAEGISEGNTGTSFIVPFED
VPRVVVKDLRDDPSAPTIEGMRKAGYPMAMFDENIIAPRKTLPIGPGTGPDDPKPVILLQLNFIKGGLILTVNGQHGAMD
MVGQDAVIRLLSKACRNDPFTEEEMTAMNLDRKTIVPYLENYTIGPEVDHQIVKADVAGGDAVLTPVSASWAFFTFSPKA
MSELKDAATKTLDASTKFVSTDDALSAFIWKSASRVRLERIDGSAPTEFCRAVDARPAMGVSNNYPGLLQNMTYHNSTIG
EIANESLGATASRLRSELDPASMRQRTRGLATYLHNNPDKSNVSLTADADPSTSVMLSSWAKVGLWDYDFGLGLGKPETV
RRPIFEPVESLMYFMPKKPDGEFCAALSLRDEDMDRLKADKEWTKYAQYVG
;
_entity_poly.pdbx_strand_id   A
#
loop_
_chem_comp.id
_chem_comp.type
_chem_comp.name
_chem_comp.formula
COA non-polymer 'COENZYME A' 'C21 H36 N7 O16 P3 S'
MPO non-polymer '3[N-MORPHOLINO]PROPANE SULFONIC ACID' 'C7 H15 N O4 S'
ZBA non-polymer 12,13-Epoxytrichothec-9-ene-3,4,8,15-tetrol-4,15-diacetate-8-isovalerate 'C24 H32 O9'
#
# COMPACT_ATOMS: atom_id res chain seq x y z
N ALA A 2 -23.74 -1.56 -18.35
CA ALA A 2 -24.08 -1.18 -16.94
C ALA A 2 -23.53 -2.20 -15.95
N PHE A 3 -23.33 -1.74 -14.72
CA PHE A 3 -22.85 -2.58 -13.65
C PHE A 3 -23.10 -1.88 -12.33
N LYS A 4 -23.30 -2.67 -11.29
CA LYS A 4 -23.46 -2.14 -9.95
C LYS A 4 -22.87 -3.17 -9.02
N ILE A 5 -21.58 -3.00 -8.76
CA ILE A 5 -20.82 -4.03 -8.05
C ILE A 5 -20.60 -3.56 -6.63
N GLN A 6 -21.26 -4.23 -5.68
CA GLN A 6 -21.07 -3.88 -4.27
C GLN A 6 -19.61 -4.06 -3.89
N LEU A 7 -19.04 -3.08 -3.17
CA LEU A 7 -17.66 -3.23 -2.70
C LEU A 7 -17.53 -4.42 -1.77
N ASP A 8 -16.31 -4.95 -1.66
CA ASP A 8 -15.99 -5.89 -0.59
C ASP A 8 -16.52 -5.32 0.71
N THR A 9 -17.03 -6.19 1.59
CA THR A 9 -17.47 -5.72 2.91
C THR A 9 -16.34 -5.02 3.65
N LEU A 10 -15.13 -5.55 3.54
CA LEU A 10 -13.95 -4.94 4.14
C LEU A 10 -13.66 -3.56 3.55
N GLY A 11 -14.06 -3.37 2.29
CA GLY A 11 -13.89 -2.08 1.61
C GLY A 11 -14.91 -1.03 2.00
N GLN A 12 -15.87 -1.41 2.84
CA GLN A 12 -16.83 -0.46 3.37
C GLN A 12 -16.25 0.25 4.60
N LEU A 13 -15.03 -0.10 5.01
CA LEU A 13 -14.31 0.61 6.09
C LEU A 13 -14.21 2.09 5.75
N PRO A 14 -14.68 2.97 6.67
CA PRO A 14 -14.71 4.43 6.42
C PRO A 14 -13.37 5.02 6.00
N GLY A 15 -12.27 4.54 6.59
CA GLY A 15 -10.93 5.02 6.27
C GLY A 15 -10.54 4.74 4.84
N LEU A 16 -10.84 3.53 4.36
CA LEU A 16 -10.46 3.11 3.02
C LEU A 16 -11.26 3.84 1.95
N LEU A 17 -12.51 4.15 2.27
CA LEU A 17 -13.41 4.84 1.32
C LEU A 17 -13.01 6.28 0.97
N SER A 18 -12.11 6.88 1.75
CA SER A 18 -11.70 8.28 1.53
C SER A 18 -10.26 8.43 0.97
N ILE A 19 -9.59 7.31 0.75
CA ILE A 19 -8.16 7.29 0.44
C ILE A 19 -7.91 6.76 -0.98
N TYR A 20 -6.90 7.33 -1.63
CA TYR A 20 -6.33 6.78 -2.86
C TYR A 20 -4.90 6.29 -2.64
N THR A 21 -4.63 5.04 -3.04
CA THR A 21 -3.28 4.49 -3.03
C THR A 21 -2.57 4.89 -4.32
N GLN A 22 -1.39 5.52 -4.18
CA GLN A 22 -0.60 5.96 -5.34
C GLN A 22 0.68 5.14 -5.47
N ILE A 23 1.09 4.87 -6.70
CA ILE A 23 2.39 4.30 -6.97
C ILE A 23 2.89 4.90 -8.29
N SER A 24 4.19 5.18 -8.35
CA SER A 24 4.82 5.73 -9.55
C SER A 24 5.89 4.80 -10.08
N LEU A 25 5.91 4.68 -11.42
CA LEU A 25 6.90 3.91 -12.14
C LEU A 25 7.68 4.89 -13.03
N LEU A 26 9.00 4.87 -12.89
CA LEU A 26 9.89 5.73 -13.67
C LEU A 26 10.56 4.92 -14.77
N TYR A 27 10.52 5.45 -16.00
CA TYR A 27 11.20 4.86 -17.14
C TYR A 27 12.08 5.91 -17.79
N PRO A 28 13.28 5.52 -18.24
CA PRO A 28 14.04 6.46 -19.07
C PRO A 28 13.39 6.58 -20.45
N VAL A 29 13.52 7.76 -21.04
CA VAL A 29 13.05 7.99 -22.41
C VAL A 29 14.21 8.66 -23.14
N SER A 30 14.75 7.94 -24.12
CA SER A 30 15.96 8.38 -24.82
CA SER A 30 15.97 8.40 -24.79
C SER A 30 15.77 9.67 -25.62
N ASP A 31 14.61 9.78 -26.27
CA ASP A 31 14.34 10.88 -27.20
C ASP A 31 12.89 11.34 -27.06
N SER A 32 12.71 12.66 -26.97
CA SER A 32 11.37 13.25 -26.90
C SER A 32 10.47 12.88 -28.08
N SER A 33 11.07 12.44 -29.19
CA SER A 33 10.28 11.95 -30.34
C SER A 33 9.37 10.76 -29.97
N GLN A 34 9.65 10.13 -28.84
CA GLN A 34 8.92 8.93 -28.42
C GLN A 34 7.61 9.21 -27.68
N TYR A 35 7.42 10.42 -27.16
CA TYR A 35 6.26 10.69 -26.32
C TYR A 35 4.88 10.51 -26.98
N PRO A 36 4.70 11.02 -28.23
CA PRO A 36 3.36 10.82 -28.82
C PRO A 36 2.90 9.35 -28.88
N THR A 37 3.81 8.44 -29.25
CA THR A 37 3.49 7.01 -29.31
C THR A 37 3.32 6.40 -27.92
N ILE A 38 4.10 6.87 -26.95
CA ILE A 38 3.85 6.48 -25.55
C ILE A 38 2.38 6.75 -25.17
N VAL A 39 1.92 7.96 -25.44
CA VAL A 39 0.59 8.37 -25.07
C VAL A 39 -0.48 7.59 -25.83
N SER A 40 -0.31 7.46 -27.15
CA SER A 40 -1.34 6.73 -27.93
C SER A 40 -1.40 5.24 -27.57
N THR A 41 -0.24 4.63 -27.33
CA THR A 41 -0.20 3.23 -26.88
C THR A 41 -0.93 3.08 -25.55
N PHE A 42 -0.67 3.99 -24.64
CA PHE A 42 -1.32 3.96 -23.32
C PHE A 42 -2.83 4.18 -23.42
N GLU A 43 -3.26 5.14 -24.24
CA GLU A 43 -4.69 5.42 -24.39
C GLU A 43 -5.42 4.24 -25.04
N GLN A 44 -4.77 3.62 -26.03
CA GLN A 44 -5.31 2.45 -26.70
CA GLN A 44 -5.34 2.46 -26.69
C GLN A 44 -5.45 1.28 -25.71
N GLY A 45 -4.47 1.14 -24.83
CA GLY A 45 -4.50 0.11 -23.78
C GLY A 45 -5.68 0.32 -22.85
N LEU A 46 -5.87 1.57 -22.40
CA LEU A 46 -6.98 1.89 -21.51
C LEU A 46 -8.33 1.57 -22.16
N LYS A 47 -8.45 1.90 -23.44
CA LYS A 47 -9.66 1.60 -24.20
C LYS A 47 -9.92 0.08 -24.26
N ARG A 48 -8.91 -0.69 -24.67
CA ARG A 48 -9.03 -2.15 -24.74
C ARG A 48 -9.39 -2.78 -23.40
N PHE A 49 -8.76 -2.30 -22.34
CA PHE A 49 -9.00 -2.81 -21.00
C PHE A 49 -10.46 -2.56 -20.60
N SER A 50 -10.93 -1.33 -20.84
CA SER A 50 -12.30 -0.93 -20.51
C SER A 50 -13.33 -1.73 -21.29
N GLU A 51 -13.01 -2.05 -22.54
CA GLU A 51 -13.91 -2.86 -23.36
C GLU A 51 -14.01 -4.27 -22.79
N ALA A 52 -12.87 -4.82 -22.36
CA ALA A 52 -12.82 -6.17 -21.78
C ALA A 52 -13.47 -6.24 -20.38
N VAL A 53 -13.18 -5.25 -19.54
CA VAL A 53 -13.64 -5.20 -18.15
C VAL A 53 -14.18 -3.80 -17.87
N PRO A 54 -15.43 -3.53 -18.29
CA PRO A 54 -16.03 -2.20 -18.18
C PRO A 54 -15.93 -1.53 -16.80
N TRP A 55 -15.99 -2.30 -15.71
CA TRP A 55 -16.03 -1.67 -14.39
C TRP A 55 -14.76 -0.90 -14.02
N VAL A 56 -13.64 -1.18 -14.68
CA VAL A 56 -12.40 -0.44 -14.35
C VAL A 56 -12.54 1.07 -14.66
N ALA A 57 -13.46 1.42 -15.55
CA ALA A 57 -13.72 2.82 -15.90
C ALA A 57 -14.80 3.46 -15.00
N GLY A 58 -15.24 2.71 -13.98
CA GLY A 58 -16.33 3.15 -13.12
C GLY A 58 -15.89 4.06 -11.98
N GLN A 59 -16.82 4.31 -11.07
CA GLN A 59 -16.58 5.14 -9.88
C GLN A 59 -17.15 4.41 -8.67
N VAL A 60 -16.63 4.73 -7.48
CA VAL A 60 -17.17 4.19 -6.24
C VAL A 60 -18.22 5.17 -5.72
N LYS A 61 -19.46 4.69 -5.55
CA LYS A 61 -20.56 5.56 -5.13
C LYS A 61 -21.34 4.98 -3.96
N ALA A 62 -21.44 5.77 -2.89
CA ALA A 62 -22.17 5.37 -1.69
C ALA A 62 -23.65 5.68 -1.84
N GLU A 63 -24.47 4.85 -1.22
CA GLU A 63 -25.91 5.08 -1.14
C GLU A 63 -26.46 4.62 0.23
N GLY A 64 -27.67 5.05 0.55
CA GLY A 64 -28.35 4.66 1.79
C GLY A 64 -27.77 5.29 3.05
N ILE A 65 -27.07 6.40 2.90
CA ILE A 65 -26.47 7.10 4.04
C ILE A 65 -27.53 7.89 4.79
N SER A 66 -27.50 7.78 6.11
CA SER A 66 -28.34 8.59 6.98
C SER A 66 -27.70 8.66 8.36
N GLU A 67 -28.40 9.28 9.32
CA GLU A 67 -27.90 9.35 10.69
C GLU A 67 -27.73 7.92 11.23
N GLY A 68 -26.54 7.61 11.73
CA GLY A 68 -26.25 6.25 12.19
C GLY A 68 -26.35 5.14 11.15
N ASN A 69 -26.20 5.51 9.87
CA ASN A 69 -26.10 4.53 8.79
C ASN A 69 -25.11 5.05 7.76
N THR A 70 -23.94 4.42 7.70
CA THR A 70 -22.85 4.92 6.87
C THR A 70 -23.02 4.51 5.41
N GLY A 71 -24.09 3.77 5.14
CA GLY A 71 -24.47 3.40 3.78
C GLY A 71 -23.63 2.27 3.20
N THR A 72 -23.80 2.04 1.91
CA THR A 72 -23.13 0.94 1.19
C THR A 72 -22.65 1.51 -0.13
N SER A 73 -21.40 1.23 -0.46
CA SER A 73 -20.79 1.70 -1.71
C SER A 73 -20.73 0.62 -2.77
N PHE A 74 -20.82 1.06 -4.01
CA PHE A 74 -20.88 0.20 -5.19
C PHE A 74 -19.96 0.80 -6.24
N ILE A 75 -19.38 -0.06 -7.08
CA ILE A 75 -18.75 0.41 -8.33
C ILE A 75 -19.84 0.51 -9.40
N VAL A 76 -20.00 1.71 -9.94
CA VAL A 76 -21.04 1.99 -10.91
C VAL A 76 -20.45 2.77 -12.09
N PRO A 77 -21.16 2.84 -13.22
CA PRO A 77 -20.58 3.54 -14.37
C PRO A 77 -20.18 5.00 -14.08
N PHE A 78 -19.17 5.47 -14.82
CA PHE A 78 -18.65 6.83 -14.65
C PHE A 78 -18.33 7.39 -16.03
N GLU A 79 -17.18 7.00 -16.59
CA GLU A 79 -16.81 7.44 -17.94
C GLU A 79 -16.45 6.23 -18.81
N ASP A 80 -16.27 6.45 -20.12
CA ASP A 80 -16.01 5.36 -21.07
C ASP A 80 -14.72 4.60 -20.77
N VAL A 81 -13.69 5.35 -20.39
CA VAL A 81 -12.39 4.79 -20.06
C VAL A 81 -11.88 5.40 -18.75
N PRO A 82 -10.93 4.72 -18.06
CA PRO A 82 -10.33 5.38 -16.91
C PRO A 82 -9.61 6.65 -17.34
N ARG A 83 -9.67 7.70 -16.52
CA ARG A 83 -9.05 8.98 -16.85
C ARG A 83 -7.53 8.91 -16.76
N VAL A 84 -6.87 9.34 -17.83
CA VAL A 84 -5.42 9.61 -17.78
C VAL A 84 -5.18 11.10 -18.03
N VAL A 85 -4.30 11.67 -17.22
CA VAL A 85 -3.86 13.05 -17.37
C VAL A 85 -2.44 12.96 -17.93
N VAL A 86 -2.16 13.77 -18.94
CA VAL A 86 -0.81 13.88 -19.48
C VAL A 86 -0.26 15.24 -19.08
N LYS A 87 0.90 15.21 -18.42
CA LYS A 87 1.58 16.41 -17.93
CA LYS A 87 1.56 16.43 -17.97
C LYS A 87 2.99 16.49 -18.51
N ASP A 88 3.30 17.60 -19.20
CA ASP A 88 4.65 17.79 -19.73
C ASP A 88 5.49 18.65 -18.79
N LEU A 89 6.44 18.01 -18.09
CA LEU A 89 7.26 18.68 -17.08
C LEU A 89 8.70 18.87 -17.53
N ARG A 90 8.97 18.61 -18.81
CA ARG A 90 10.33 18.69 -19.35
C ARG A 90 10.98 20.06 -19.15
N ASP A 91 10.17 21.11 -19.22
CA ASP A 91 10.67 22.48 -19.13
C ASP A 91 10.28 23.19 -17.85
N ASP A 92 9.81 22.42 -16.87
CA ASP A 92 9.38 22.96 -15.58
C ASP A 92 10.56 22.88 -14.62
N PRO A 93 11.11 24.03 -14.20
CA PRO A 93 12.32 24.02 -13.37
C PRO A 93 12.09 23.41 -11.98
N SER A 94 10.83 23.28 -11.58
CA SER A 94 10.50 22.70 -10.27
C SER A 94 10.30 21.19 -10.32
N ALA A 95 10.27 20.62 -11.53
CA ALA A 95 10.03 19.19 -11.73
C ALA A 95 11.32 18.38 -11.62
N PRO A 96 11.21 17.07 -11.29
CA PRO A 96 12.41 16.25 -11.35
C PRO A 96 12.88 15.98 -12.78
N THR A 97 14.12 15.53 -12.89
CA THR A 97 14.72 15.13 -14.17
C THR A 97 15.28 13.73 -13.97
N ILE A 98 15.51 13.00 -15.06
CA ILE A 98 16.07 11.65 -14.96
C ILE A 98 17.43 11.68 -14.25
N GLU A 99 18.26 12.66 -14.59
CA GLU A 99 19.59 12.76 -13.97
C GLU A 99 19.53 13.19 -12.50
N GLY A 100 18.61 14.09 -12.17
CA GLY A 100 18.38 14.50 -10.78
C GLY A 100 17.94 13.33 -9.92
N MET A 101 17.02 12.53 -10.48
CA MET A 101 16.53 11.29 -9.84
CA MET A 101 16.56 11.34 -9.78
C MET A 101 17.68 10.32 -9.58
N ARG A 102 18.46 10.07 -10.62
CA ARG A 102 19.57 9.12 -10.52
C ARG A 102 20.61 9.55 -9.49
N LYS A 103 20.99 10.82 -9.52
CA LYS A 103 21.99 11.36 -8.59
C LYS A 103 21.55 11.25 -7.12
N ALA A 104 20.26 11.50 -6.86
CA ALA A 104 19.72 11.49 -5.51
C ALA A 104 19.19 10.12 -5.06
N GLY A 105 19.24 9.13 -5.96
CA GLY A 105 18.77 7.78 -5.66
C GLY A 105 17.26 7.63 -5.55
N TYR A 106 16.54 8.40 -6.37
CA TYR A 106 15.07 8.33 -6.43
C TYR A 106 14.36 8.60 -5.08
N PRO A 107 14.59 9.78 -4.49
CA PRO A 107 13.96 10.09 -3.20
C PRO A 107 12.47 10.34 -3.31
N MET A 108 11.76 10.07 -2.20
CA MET A 108 10.32 10.29 -2.15
C MET A 108 9.95 11.74 -2.46
N ALA A 109 10.81 12.67 -2.03
CA ALA A 109 10.57 14.10 -2.22
C ALA A 109 10.49 14.49 -3.71
N MET A 110 11.10 13.70 -4.59
CA MET A 110 11.04 13.96 -6.03
C MET A 110 9.81 13.35 -6.72
N PHE A 111 8.98 12.67 -5.94
CA PHE A 111 7.70 12.16 -6.43
C PHE A 111 6.58 12.88 -5.69
N ASP A 112 6.45 14.18 -5.95
CA ASP A 112 5.49 15.01 -5.24
C ASP A 112 4.09 14.72 -5.80
N GLU A 113 3.19 14.21 -4.96
CA GLU A 113 1.86 13.82 -5.42
C GLU A 113 1.13 14.99 -6.10
N ASN A 114 1.44 16.21 -5.68
CA ASN A 114 0.77 17.39 -6.25
C ASN A 114 1.21 17.66 -7.69
N ILE A 115 2.38 17.14 -8.05
CA ILE A 115 2.98 17.38 -9.36
C ILE A 115 2.81 16.16 -10.29
N ILE A 116 2.99 14.96 -9.75
CA ILE A 116 3.04 13.76 -10.60
C ILE A 116 1.88 12.74 -10.42
N ALA A 117 0.96 13.03 -9.51
CA ALA A 117 -0.23 12.20 -9.30
C ALA A 117 -1.52 12.92 -9.75
N PRO A 118 -2.51 12.16 -10.24
CA PRO A 118 -3.78 12.76 -10.72
C PRO A 118 -4.75 13.17 -9.61
N ARG A 119 -4.52 12.69 -8.40
CA ARG A 119 -5.37 13.01 -7.24
C ARG A 119 -4.57 12.76 -5.97
N LYS A 120 -4.85 13.53 -4.93
CA LYS A 120 -4.13 13.35 -3.66
C LYS A 120 -4.51 12.04 -2.97
N THR A 121 -3.60 11.55 -2.14
CA THR A 121 -3.83 10.36 -1.32
C THR A 121 -4.99 10.56 -0.33
N LEU A 122 -4.97 11.71 0.36
CA LEU A 122 -5.94 11.99 1.39
C LEU A 122 -7.04 12.91 0.87
N PRO A 123 -8.23 12.88 1.53
CA PRO A 123 -9.35 13.74 1.13
C PRO A 123 -9.12 15.19 1.55
N ILE A 124 -8.12 15.81 0.95
CA ILE A 124 -7.70 17.18 1.25
C ILE A 124 -7.71 17.97 -0.04
N GLY A 125 -8.31 19.16 0.00
CA GLY A 125 -8.26 20.07 -1.13
C GLY A 125 -9.42 19.91 -2.11
N PRO A 126 -9.35 20.59 -3.26
CA PRO A 126 -10.43 20.58 -4.24
C PRO A 126 -10.75 19.18 -4.76
N GLY A 127 -12.04 18.92 -5.01
CA GLY A 127 -12.50 17.67 -5.61
C GLY A 127 -12.32 16.43 -4.77
N THR A 128 -12.33 16.59 -3.46
CA THR A 128 -12.20 15.46 -2.54
C THR A 128 -13.37 15.39 -1.54
N GLY A 129 -14.44 16.11 -1.85
CA GLY A 129 -15.67 16.04 -1.05
C GLY A 129 -16.48 14.80 -1.37
N PRO A 130 -17.37 14.38 -0.43
CA PRO A 130 -18.27 13.22 -0.60
C PRO A 130 -19.16 13.24 -1.85
N ASP A 131 -19.49 14.43 -2.34
CA ASP A 131 -20.33 14.57 -3.54
C ASP A 131 -19.51 14.56 -4.83
N ASP A 132 -18.20 14.71 -4.70
CA ASP A 132 -17.30 14.68 -5.84
C ASP A 132 -17.08 13.22 -6.25
N PRO A 133 -16.93 12.97 -7.56
CA PRO A 133 -16.76 11.59 -8.03
C PRO A 133 -15.52 10.93 -7.46
N LYS A 134 -15.60 9.61 -7.24
CA LYS A 134 -14.47 8.82 -6.79
C LYS A 134 -14.17 7.75 -7.84
N PRO A 135 -13.41 8.11 -8.88
CA PRO A 135 -13.08 7.12 -9.92
C PRO A 135 -12.36 5.91 -9.32
N VAL A 136 -12.64 4.73 -9.86
CA VAL A 136 -12.01 3.50 -9.39
C VAL A 136 -10.50 3.58 -9.54
N ILE A 137 -10.05 4.01 -10.72
CA ILE A 137 -8.62 4.22 -10.97
CA ILE A 137 -8.62 4.18 -10.99
C ILE A 137 -8.39 5.51 -11.74
N LEU A 138 -7.24 6.14 -11.48
CA LEU A 138 -6.84 7.35 -12.18
C LEU A 138 -5.36 7.22 -12.55
N LEU A 139 -5.00 7.73 -13.72
CA LEU A 139 -3.61 7.60 -14.22
C LEU A 139 -3.03 8.97 -14.58
N GLN A 140 -1.71 9.10 -14.47
CA GLN A 140 -1.01 10.29 -14.92
C GLN A 140 0.29 9.89 -15.60
N LEU A 141 0.48 10.41 -16.82
CA LEU A 141 1.73 10.26 -17.54
C LEU A 141 2.46 11.58 -17.45
N ASN A 142 3.64 11.57 -16.82
CA ASN A 142 4.43 12.80 -16.64
C ASN A 142 5.68 12.72 -17.48
N PHE A 143 5.82 13.62 -18.46
CA PHE A 143 7.07 13.71 -19.20
C PHE A 143 8.07 14.50 -18.37
N ILE A 144 9.23 13.92 -18.10
CA ILE A 144 10.30 14.67 -17.45
C ILE A 144 11.55 14.63 -18.34
N LYS A 145 12.50 15.51 -18.08
CA LYS A 145 13.71 15.51 -18.89
C LYS A 145 14.32 14.11 -18.84
N GLY A 146 14.41 13.49 -20.02
CA GLY A 146 15.02 12.18 -20.16
C GLY A 146 14.21 11.01 -19.64
N GLY A 147 12.93 11.23 -19.34
CA GLY A 147 12.16 10.18 -18.69
C GLY A 147 10.65 10.28 -18.75
N LEU A 148 10.01 9.30 -18.11
CA LEU A 148 8.56 9.26 -17.99
C LEU A 148 8.25 8.76 -16.59
N ILE A 149 7.32 9.43 -15.90
CA ILE A 149 6.80 8.90 -14.64
C ILE A 149 5.33 8.56 -14.85
N LEU A 150 5.02 7.27 -14.69
CA LEU A 150 3.65 6.81 -14.75
C LEU A 150 3.14 6.67 -13.33
N THR A 151 2.04 7.35 -13.00
CA THR A 151 1.47 7.24 -11.66
C THR A 151 0.07 6.65 -11.74
N VAL A 152 -0.20 5.67 -10.87
CA VAL A 152 -1.52 5.06 -10.82
C VAL A 152 -2.11 5.26 -9.43
N ASN A 153 -3.33 5.81 -9.40
CA ASN A 153 -4.14 5.96 -8.18
C ASN A 153 -5.24 4.92 -8.19
N GLY A 154 -5.44 4.23 -7.06
CA GLY A 154 -6.56 3.31 -6.91
C GLY A 154 -7.40 3.69 -5.71
N GLN A 155 -8.72 3.73 -5.88
CA GLN A 155 -9.64 4.03 -4.79
C GLN A 155 -9.55 2.89 -3.77
N HIS A 156 -9.16 3.17 -2.54
CA HIS A 156 -8.84 2.10 -1.60
C HIS A 156 -10.00 1.22 -1.15
N GLY A 157 -11.21 1.73 -1.18
CA GLY A 157 -12.38 0.88 -0.92
C GLY A 157 -12.53 -0.17 -2.02
N ALA A 158 -12.11 0.18 -3.23
CA ALA A 158 -12.22 -0.69 -4.40
C ALA A 158 -11.05 -1.66 -4.56
N MET A 159 -9.91 -1.33 -3.94
CA MET A 159 -8.73 -2.18 -4.11
C MET A 159 -7.67 -1.92 -3.06
N ASP A 160 -7.05 -3.00 -2.59
CA ASP A 160 -5.79 -2.88 -1.86
C ASP A 160 -4.66 -2.88 -2.90
N MET A 161 -3.40 -2.82 -2.45
CA MET A 161 -2.31 -2.76 -3.43
C MET A 161 -2.15 -4.07 -4.21
N VAL A 162 -2.53 -5.19 -3.61
CA VAL A 162 -2.49 -6.47 -4.34
C VAL A 162 -3.49 -6.41 -5.50
N GLY A 163 -4.70 -5.92 -5.21
CA GLY A 163 -5.72 -5.75 -6.24
C GLY A 163 -5.29 -4.73 -7.29
N GLN A 164 -4.70 -3.63 -6.81
CA GLN A 164 -4.24 -2.56 -7.70
C GLN A 164 -3.17 -3.09 -8.64
N ASP A 165 -2.26 -3.90 -8.10
CA ASP A 165 -1.23 -4.54 -8.92
C ASP A 165 -1.89 -5.44 -9.99
N ALA A 166 -2.92 -6.19 -9.59
CA ALA A 166 -3.63 -7.07 -10.54
C ALA A 166 -4.22 -6.27 -11.70
N VAL A 167 -4.83 -5.13 -11.37
CA VAL A 167 -5.42 -4.22 -12.37
C VAL A 167 -4.34 -3.66 -13.29
N ILE A 168 -3.25 -3.18 -12.70
CA ILE A 168 -2.14 -2.58 -13.46
C ILE A 168 -1.48 -3.62 -14.39
N ARG A 169 -1.30 -4.83 -13.89
CA ARG A 169 -0.75 -5.93 -14.67
CA ARG A 169 -0.74 -5.92 -14.68
C ARG A 169 -1.57 -6.16 -15.94
N LEU A 170 -2.89 -6.19 -15.80
CA LEU A 170 -3.78 -6.39 -16.96
C LEU A 170 -3.78 -5.17 -17.86
N LEU A 171 -3.65 -3.98 -17.27
CA LEU A 171 -3.52 -2.79 -18.10
C LEU A 171 -2.26 -2.91 -18.98
N SER A 172 -1.16 -3.42 -18.41
CA SER A 172 0.06 -3.60 -19.21
C SER A 172 -0.20 -4.56 -20.39
N LYS A 173 -0.87 -5.67 -20.12
CA LYS A 173 -1.27 -6.61 -21.18
C LYS A 173 -2.08 -5.89 -22.25
N ALA A 174 -3.06 -5.12 -21.81
CA ALA A 174 -3.96 -4.43 -22.73
C ALA A 174 -3.18 -3.45 -23.62
N CYS A 175 -2.24 -2.72 -23.04
CA CYS A 175 -1.37 -1.82 -23.81
C CYS A 175 -0.58 -2.55 -24.89
N ARG A 176 -0.15 -3.76 -24.58
CA ARG A 176 0.59 -4.60 -25.52
C ARG A 176 -0.32 -5.33 -26.52
N ASN A 177 -1.63 -5.30 -26.25
CA ASN A 177 -2.61 -6.10 -27.00
C ASN A 177 -2.41 -7.62 -26.80
N ASP A 178 -1.91 -7.98 -25.61
CA ASP A 178 -1.77 -9.37 -25.21
C ASP A 178 -3.09 -9.85 -24.58
N PRO A 179 -3.53 -11.08 -24.91
CA PRO A 179 -4.86 -11.51 -24.45
C PRO A 179 -4.91 -11.81 -22.95
N PHE A 180 -6.07 -11.59 -22.34
CA PHE A 180 -6.25 -11.97 -20.93
C PHE A 180 -6.54 -13.45 -20.87
N THR A 181 -6.06 -14.13 -19.83
CA THR A 181 -6.40 -15.54 -19.64
C THR A 181 -7.80 -15.69 -19.06
N GLU A 182 -8.38 -16.88 -19.20
CA GLU A 182 -9.69 -17.14 -18.61
CA GLU A 182 -9.68 -17.17 -18.61
C GLU A 182 -9.67 -16.93 -17.09
N GLU A 183 -8.62 -17.41 -16.42
CA GLU A 183 -8.49 -17.22 -14.96
C GLU A 183 -8.44 -15.74 -14.58
N GLU A 184 -7.74 -14.94 -15.39
CA GLU A 184 -7.66 -13.49 -15.13
C GLU A 184 -9.04 -12.86 -15.24
N MET A 185 -9.75 -13.19 -16.32
CA MET A 185 -11.10 -12.68 -16.53
C MET A 185 -12.06 -13.11 -15.43
N THR A 186 -11.92 -14.35 -14.96
CA THR A 186 -12.72 -14.85 -13.86
C THR A 186 -12.44 -14.09 -12.56
N ALA A 187 -11.15 -13.94 -12.23
CA ALA A 187 -10.74 -13.24 -11.02
C ALA A 187 -11.23 -11.78 -11.00
N MET A 188 -11.17 -11.14 -12.16
CA MET A 188 -11.60 -9.74 -12.33
C MET A 188 -13.11 -9.56 -12.16
N ASN A 189 -13.85 -10.66 -12.11
CA ASN A 189 -15.31 -10.59 -12.10
C ASN A 189 -15.97 -11.39 -10.98
N LEU A 190 -15.16 -11.89 -10.05
CA LEU A 190 -15.72 -12.54 -8.87
C LEU A 190 -16.63 -11.57 -8.11
N ASP A 191 -17.76 -12.07 -7.64
CA ASP A 191 -18.64 -11.28 -6.80
C ASP A 191 -17.90 -10.94 -5.50
N ARG A 192 -17.98 -9.67 -5.10
CA ARG A 192 -17.20 -9.20 -3.94
C ARG A 192 -17.95 -9.36 -2.64
N LYS A 193 -19.27 -9.12 -2.65
CA LYS A 193 -20.03 -9.03 -1.40
C LYS A 193 -20.14 -10.37 -0.66
N THR A 194 -19.80 -11.46 -1.35
CA THR A 194 -19.90 -12.79 -0.75
C THR A 194 -18.53 -13.46 -0.59
N ILE A 195 -17.46 -12.75 -0.94
CA ILE A 195 -16.13 -13.37 -1.03
C ILE A 195 -15.51 -13.74 0.33
N VAL A 196 -15.99 -13.09 1.39
CA VAL A 196 -15.65 -13.47 2.76
C VAL A 196 -16.91 -14.05 3.41
N PRO A 197 -16.96 -15.38 3.59
CA PRO A 197 -18.13 -15.99 4.22
C PRO A 197 -18.29 -15.50 5.66
N TYR A 198 -19.50 -15.10 6.02
CA TYR A 198 -19.73 -14.53 7.35
C TYR A 198 -19.80 -15.59 8.43
N LEU A 199 -19.54 -15.17 9.68
CA LEU A 199 -19.70 -16.03 10.83
C LEU A 199 -21.17 -16.02 11.25
N GLU A 200 -21.67 -17.18 11.68
CA GLU A 200 -23.08 -17.31 12.06
C GLU A 200 -23.29 -16.84 13.50
N ASN A 201 -24.39 -16.13 13.74
CA ASN A 201 -24.80 -15.64 15.07
C ASN A 201 -23.69 -14.91 15.82
N TYR A 202 -23.01 -14.02 15.09
CA TYR A 202 -21.84 -13.34 15.61
C TYR A 202 -22.23 -11.95 16.08
N THR A 203 -21.79 -11.60 17.28
CA THR A 203 -21.93 -10.23 17.77
C THR A 203 -20.55 -9.56 17.82
N ILE A 204 -19.73 -9.96 18.79
CA ILE A 204 -18.39 -9.41 18.92
C ILE A 204 -17.47 -10.43 19.60
N GLY A 205 -16.25 -10.56 19.09
CA GLY A 205 -15.28 -11.49 19.64
C GLY A 205 -13.86 -10.95 19.49
N PRO A 206 -12.86 -11.76 19.87
CA PRO A 206 -11.45 -11.36 19.77
C PRO A 206 -11.02 -11.06 18.34
N GLU A 207 -11.79 -11.54 17.37
CA GLU A 207 -11.50 -11.33 15.94
C GLU A 207 -11.33 -9.85 15.58
N VAL A 208 -12.07 -8.97 16.29
CA VAL A 208 -12.03 -7.53 16.01
CA VAL A 208 -12.03 -7.53 16.01
C VAL A 208 -11.29 -6.73 17.09
N ASP A 209 -10.46 -7.43 17.88
CA ASP A 209 -9.58 -6.74 18.82
C ASP A 209 -8.77 -5.70 18.05
N HIS A 210 -8.60 -4.51 18.63
CA HIS A 210 -7.79 -3.43 18.03
C HIS A 210 -8.43 -2.80 16.78
N GLN A 211 -9.68 -3.12 16.51
CA GLN A 211 -10.33 -2.65 15.27
C GLN A 211 -11.62 -1.85 15.47
N ILE A 212 -12.05 -1.71 16.72
CA ILE A 212 -13.21 -0.91 17.02
C ILE A 212 -12.81 0.21 17.98
N VAL A 213 -13.04 1.45 17.56
CA VAL A 213 -12.72 2.62 18.36
C VAL A 213 -13.60 2.63 19.61
N LYS A 214 -12.99 2.89 20.75
CA LYS A 214 -13.70 3.00 22.03
C LYS A 214 -13.31 4.33 22.67
N ALA A 215 -14.25 4.93 23.40
CA ALA A 215 -14.07 6.28 23.93
C ALA A 215 -12.96 6.41 24.99
N ASP A 216 -12.60 5.29 25.63
CA ASP A 216 -11.55 5.30 26.65
C ASP A 216 -10.20 4.74 26.15
N VAL A 217 -10.07 4.57 24.85
CA VAL A 217 -8.84 4.06 24.25
C VAL A 217 -8.40 4.98 23.13
N ALA A 218 -7.20 5.55 23.29
CA ALA A 218 -6.58 6.37 22.27
C ALA A 218 -6.36 5.59 20.97
N GLY A 219 -6.59 6.24 19.83
CA GLY A 219 -6.33 5.67 18.51
C GLY A 219 -7.29 6.16 17.44
N VAL A 227 2.26 17.52 15.53
CA VAL A 227 3.68 17.22 15.59
C VAL A 227 4.36 17.45 14.24
N SER A 228 5.56 18.04 14.25
CA SER A 228 6.33 18.24 13.03
C SER A 228 6.96 16.92 12.60
N ALA A 229 6.60 16.48 11.39
CA ALA A 229 6.99 15.15 10.91
C ALA A 229 7.42 15.21 9.44
N SER A 230 8.00 14.11 8.95
CA SER A 230 8.40 14.03 7.56
C SER A 230 8.34 12.60 7.02
N TRP A 231 8.51 12.48 5.70
CA TRP A 231 8.64 11.21 4.99
C TRP A 231 10.09 11.06 4.50
N ALA A 232 10.60 9.83 4.49
CA ALA A 232 11.88 9.54 3.87
C ALA A 232 11.95 8.09 3.41
N PHE A 233 12.62 7.86 2.29
CA PHE A 233 12.97 6.54 1.88
C PHE A 233 14.33 6.20 2.47
N PHE A 234 14.44 4.93 2.82
CA PHE A 234 15.70 4.30 3.21
C PHE A 234 15.90 3.04 2.38
N THR A 235 17.04 2.79 1.84
CA THR A 235 17.29 1.56 1.09
C THR A 235 18.11 0.57 1.91
N PHE A 236 17.82 -0.66 1.62
CA PHE A 236 18.50 -1.79 2.21
C PHE A 236 19.00 -2.67 1.08
N SER A 237 20.31 -2.82 1.00
CA SER A 237 20.94 -3.60 -0.06
C SER A 237 20.55 -5.08 0.06
N PRO A 238 20.68 -5.85 -1.04
CA PRO A 238 20.42 -7.30 -0.94
C PRO A 238 21.24 -7.95 0.19
N LYS A 239 22.48 -7.51 0.35
CA LYS A 239 23.34 -8.05 1.42
C LYS A 239 22.83 -7.66 2.80
N ALA A 240 22.43 -6.39 2.97
CA ALA A 240 21.84 -5.92 4.23
C ALA A 240 20.61 -6.75 4.59
N MET A 241 19.76 -6.99 3.58
CA MET A 241 18.55 -7.78 3.79
C MET A 241 18.85 -9.20 4.27
N SER A 242 19.80 -9.86 3.59
CA SER A 242 20.16 -11.25 3.96
C SER A 242 20.82 -11.31 5.33
N GLU A 243 21.60 -10.29 5.68
CA GLU A 243 22.24 -10.21 7.01
C GLU A 243 21.24 -9.98 8.14
N LEU A 244 20.20 -9.18 7.88
CA LEU A 244 19.09 -9.03 8.82
C LEU A 244 18.34 -10.35 9.02
N LYS A 245 18.06 -11.06 7.92
CA LYS A 245 17.36 -12.34 8.05
C LYS A 245 18.22 -13.35 8.80
N ASP A 246 19.53 -13.39 8.50
CA ASP A 246 20.47 -14.24 9.22
C ASP A 246 20.43 -13.96 10.74
N ALA A 247 20.50 -12.68 11.09
CA ALA A 247 20.49 -12.24 12.50
C ALA A 247 19.22 -12.66 13.25
N ALA A 248 18.07 -12.52 12.58
CA ALA A 248 16.80 -12.97 13.11
C ALA A 248 16.71 -14.49 13.23
N THR A 249 17.13 -15.19 12.19
CA THR A 249 17.04 -16.66 12.13
C THR A 249 17.85 -17.31 13.27
N LYS A 250 18.99 -16.70 13.59
CA LYS A 250 19.84 -17.20 14.68
C LYS A 250 19.24 -17.01 16.06
N THR A 251 18.20 -16.18 16.18
CA THR A 251 17.67 -15.81 17.50
C THR A 251 16.16 -16.00 17.66
N LEU A 252 15.61 -17.01 16.97
CA LEU A 252 14.17 -17.23 16.99
C LEU A 252 13.67 -17.82 18.29
N ASP A 253 12.42 -17.48 18.63
CA ASP A 253 11.69 -18.15 19.72
C ASP A 253 11.57 -19.64 19.43
N ALA A 254 11.46 -20.44 20.50
CA ALA A 254 11.31 -21.90 20.38
C ALA A 254 10.07 -22.29 19.57
N SER A 255 9.03 -21.46 19.63
CA SER A 255 7.77 -21.75 18.96
C SER A 255 7.80 -21.44 17.45
N THR A 256 8.89 -20.82 17.00
CA THR A 256 8.97 -20.30 15.63
C THR A 256 10.03 -21.03 14.78
N LYS A 257 9.56 -21.79 13.79
N LYS A 257 9.56 -21.79 13.79
CA LYS A 257 10.44 -22.60 12.92
CA LYS A 257 10.44 -22.60 12.92
C LYS A 257 11.31 -21.75 11.99
C LYS A 257 11.31 -21.75 11.99
N PHE A 258 10.72 -20.68 11.46
CA PHE A 258 11.42 -19.81 10.50
C PHE A 258 10.74 -18.46 10.48
N VAL A 259 11.49 -17.45 10.03
CA VAL A 259 10.89 -16.16 9.69
C VAL A 259 11.30 -15.79 8.27
N SER A 260 10.66 -14.76 7.71
CA SER A 260 10.97 -14.31 6.36
C SER A 260 11.87 -13.07 6.36
N THR A 261 12.40 -12.76 5.17
CA THR A 261 13.11 -11.52 4.93
C THR A 261 12.25 -10.33 5.36
N ASP A 262 10.99 -10.34 4.91
CA ASP A 262 10.03 -9.29 5.25
C ASP A 262 9.82 -9.18 6.77
N ASP A 263 9.66 -10.31 7.44
CA ASP A 263 9.59 -10.34 8.91
C ASP A 263 10.79 -9.65 9.56
N ALA A 264 11.98 -9.97 9.07
CA ALA A 264 13.23 -9.49 9.66
C ALA A 264 13.35 -7.97 9.52
N LEU A 265 13.06 -7.44 8.34
CA LEU A 265 13.10 -5.99 8.15
C LEU A 265 12.03 -5.29 8.98
N SER A 266 10.82 -5.85 8.98
CA SER A 266 9.74 -5.29 9.79
C SER A 266 10.17 -5.23 11.26
N ALA A 267 10.76 -6.31 11.76
CA ALA A 267 11.22 -6.40 13.16
C ALA A 267 12.32 -5.37 13.46
N PHE A 268 13.25 -5.24 12.51
CA PHE A 268 14.38 -4.32 12.65
C PHE A 268 13.89 -2.88 12.74
N ILE A 269 12.86 -2.57 11.98
CA ILE A 269 12.28 -1.22 12.02
C ILE A 269 11.57 -0.94 13.35
N TRP A 270 10.78 -1.91 13.83
CA TRP A 270 10.09 -1.78 15.12
C TRP A 270 11.11 -1.58 16.23
N LYS A 271 12.17 -2.39 16.19
CA LYS A 271 13.24 -2.31 17.19
C LYS A 271 13.97 -0.96 17.14
N SER A 272 14.32 -0.53 15.93
CA SER A 272 15.05 0.73 15.72
C SER A 272 14.20 1.96 16.10
N ALA A 273 12.94 1.99 15.68
CA ALA A 273 12.02 3.04 16.12
C ALA A 273 11.89 3.06 17.64
N SER A 274 11.75 1.89 18.24
CA SER A 274 11.57 1.79 19.69
C SER A 274 12.82 2.29 20.41
N ARG A 275 13.98 1.87 19.92
CA ARG A 275 15.27 2.32 20.45
C ARG A 275 15.40 3.85 20.46
N VAL A 276 15.19 4.51 19.31
CA VAL A 276 15.31 5.97 19.27
C VAL A 276 14.24 6.67 20.12
N ARG A 277 13.06 6.05 20.21
CA ARG A 277 11.97 6.62 21.00
C ARG A 277 12.25 6.61 22.50
N LEU A 278 13.15 5.73 22.94
CA LEU A 278 13.60 5.69 24.33
C LEU A 278 14.20 7.03 24.77
N GLU A 279 14.68 7.80 23.80
CA GLU A 279 15.26 9.12 24.07
C GLU A 279 14.20 10.18 24.42
N ARG A 280 12.92 9.87 24.20
CA ARG A 280 11.85 10.83 24.52
C ARG A 280 10.71 10.28 25.37
N ILE A 281 10.61 8.96 25.48
CA ILE A 281 9.61 8.33 26.36
C ILE A 281 10.18 7.15 27.15
N ASP A 282 9.46 6.74 28.20
CA ASP A 282 9.92 5.64 29.06
C ASP A 282 9.82 4.28 28.36
N GLY A 283 10.73 3.38 28.70
CA GLY A 283 10.71 2.01 28.19
C GLY A 283 9.44 1.25 28.50
N SER A 284 8.70 1.67 29.53
CA SER A 284 7.47 1.01 29.92
C SER A 284 6.28 1.38 29.03
N ALA A 285 6.47 2.40 28.18
CA ALA A 285 5.41 2.84 27.26
C ALA A 285 4.99 1.70 26.35
N PRO A 286 3.67 1.45 26.25
CA PRO A 286 3.17 0.42 25.31
C PRO A 286 3.53 0.78 23.87
N THR A 287 3.74 -0.24 23.06
CA THR A 287 3.95 -0.07 21.63
C THR A 287 3.21 -1.16 20.87
N GLU A 288 2.49 -0.75 19.82
CA GLU A 288 1.77 -1.69 18.99
C GLU A 288 2.27 -1.64 17.55
N PHE A 289 2.64 -2.79 17.02
CA PHE A 289 2.96 -2.91 15.59
C PHE A 289 1.70 -3.38 14.87
N CYS A 290 1.29 -2.63 13.84
CA CYS A 290 0.13 -3.01 13.03
C CYS A 290 0.67 -3.35 11.65
N ARG A 291 0.52 -4.60 11.23
CA ARG A 291 1.09 -5.07 9.95
C ARG A 291 0.01 -5.44 8.95
N ALA A 292 0.03 -4.81 7.77
CA ALA A 292 -0.93 -5.15 6.71
C ALA A 292 -0.64 -6.54 6.17
N VAL A 293 -1.70 -7.34 6.01
CA VAL A 293 -1.56 -8.71 5.52
C VAL A 293 -2.64 -8.97 4.47
N ASP A 294 -2.21 -9.39 3.29
CA ASP A 294 -3.11 -9.84 2.21
C ASP A 294 -3.84 -11.08 2.72
N ALA A 295 -5.16 -11.01 2.70
CA ALA A 295 -6.00 -12.09 3.20
C ALA A 295 -6.43 -13.08 2.11
N ARG A 296 -6.02 -12.81 0.87
CA ARG A 296 -6.40 -13.70 -0.24
C ARG A 296 -6.00 -15.16 0.00
N PRO A 297 -4.72 -15.42 0.35
CA PRO A 297 -4.31 -16.81 0.58
C PRO A 297 -5.13 -17.54 1.65
N ALA A 298 -5.33 -16.89 2.81
CA ALA A 298 -6.13 -17.50 3.88
C ALA A 298 -7.57 -17.76 3.45
N MET A 299 -8.09 -16.94 2.55
CA MET A 299 -9.47 -17.05 2.08
C MET A 299 -9.61 -17.97 0.87
N GLY A 300 -8.49 -18.44 0.35
CA GLY A 300 -8.47 -19.29 -0.86
C GLY A 300 -8.83 -18.53 -2.12
N VAL A 301 -8.50 -17.24 -2.14
CA VAL A 301 -8.84 -16.37 -3.27
C VAL A 301 -7.61 -16.14 -4.16
N SER A 302 -7.84 -16.07 -5.47
CA SER A 302 -6.78 -15.85 -6.45
C SER A 302 -5.99 -14.57 -6.18
N ASN A 303 -4.67 -14.63 -6.39
CA ASN A 303 -3.81 -13.45 -6.35
C ASN A 303 -4.27 -12.39 -7.36
N ASN A 304 -5.02 -12.82 -8.36
CA ASN A 304 -5.53 -11.91 -9.38
C ASN A 304 -6.84 -11.22 -9.03
N TYR A 305 -7.39 -11.51 -7.85
CA TYR A 305 -8.61 -10.82 -7.40
C TYR A 305 -8.30 -9.35 -7.17
N PRO A 306 -8.98 -8.45 -7.89
CA PRO A 306 -8.60 -7.03 -7.89
C PRO A 306 -9.18 -6.18 -6.77
N GLY A 307 -9.89 -6.81 -5.83
CA GLY A 307 -10.61 -6.04 -4.81
C GLY A 307 -9.78 -5.67 -3.59
N LEU A 308 -10.49 -5.55 -2.47
CA LEU A 308 -9.93 -5.22 -1.18
C LEU A 308 -10.13 -6.42 -0.27
N LEU A 309 -9.05 -7.13 0.00
CA LEU A 309 -9.10 -8.33 0.82
C LEU A 309 -7.82 -8.36 1.64
N GLN A 310 -7.84 -7.58 2.71
CA GLN A 310 -6.68 -7.36 3.52
C GLN A 310 -7.12 -7.24 4.97
N ASN A 311 -6.22 -7.61 5.87
CA ASN A 311 -6.42 -7.36 7.27
C ASN A 311 -5.11 -6.85 7.83
N MET A 312 -5.04 -6.70 9.16
CA MET A 312 -3.80 -6.39 9.86
CA MET A 312 -3.77 -6.44 9.81
C MET A 312 -3.53 -7.49 10.87
N THR A 313 -2.27 -7.64 11.26
CA THR A 313 -1.93 -8.37 12.47
C THR A 313 -1.45 -7.33 13.47
N TYR A 314 -1.72 -7.58 14.76
CA TYR A 314 -1.41 -6.62 15.82
C TYR A 314 -0.48 -7.27 16.82
N HIS A 315 0.51 -6.50 17.27
CA HIS A 315 1.56 -7.00 18.14
C HIS A 315 1.84 -5.96 19.21
N ASN A 316 1.52 -6.32 20.44
CA ASN A 316 1.60 -5.37 21.56
C ASN A 316 2.71 -5.75 22.52
N SER A 317 3.52 -4.75 22.87
CA SER A 317 4.65 -4.93 23.79
C SER A 317 4.95 -3.58 24.44
N THR A 318 6.18 -3.39 24.90
CA THR A 318 6.62 -2.08 25.37
C THR A 318 7.85 -1.64 24.62
N ILE A 319 8.05 -0.32 24.54
CA ILE A 319 9.20 0.28 23.87
C ILE A 319 10.53 -0.35 24.32
N GLY A 320 10.71 -0.47 25.64
CA GLY A 320 11.94 -1.05 26.18
C GLY A 320 12.15 -2.51 25.81
N GLU A 321 11.09 -3.31 25.89
CA GLU A 321 11.18 -4.74 25.58
C GLU A 321 11.54 -4.94 24.10
N ILE A 322 10.85 -4.21 23.22
CA ILE A 322 11.11 -4.31 21.79
C ILE A 322 12.53 -3.86 21.43
N ALA A 323 12.98 -2.75 22.02
CA ALA A 323 14.32 -2.22 21.77
C ALA A 323 15.41 -3.21 22.22
N ASN A 324 15.18 -3.85 23.36
CA ASN A 324 16.22 -4.63 24.02
C ASN A 324 16.31 -6.13 23.68
N GLU A 325 15.20 -6.71 23.22
CA GLU A 325 15.18 -8.13 22.87
C GLU A 325 15.93 -8.38 21.55
N SER A 326 16.22 -9.65 21.24
CA SER A 326 16.94 -10.00 20.00
C SER A 326 16.08 -9.69 18.78
N LEU A 327 16.72 -9.61 17.61
CA LEU A 327 15.98 -9.40 16.36
C LEU A 327 15.02 -10.55 16.10
N GLY A 328 15.49 -11.77 16.35
CA GLY A 328 14.69 -12.97 16.20
C GLY A 328 13.48 -13.02 17.12
N ALA A 329 13.62 -12.53 18.35
CA ALA A 329 12.50 -12.43 19.27
C ALA A 329 11.41 -11.54 18.67
N THR A 330 11.82 -10.41 18.09
CA THR A 330 10.86 -9.46 17.51
C THR A 330 10.23 -10.02 16.25
N ALA A 331 11.05 -10.65 15.40
CA ALA A 331 10.55 -11.24 14.16
C ALA A 331 9.58 -12.38 14.45
N SER A 332 9.87 -13.15 15.51
CA SER A 332 8.98 -14.20 15.96
C SER A 332 7.58 -13.69 16.33
N ARG A 333 7.50 -12.52 16.97
CA ARG A 333 6.21 -11.89 17.27
C ARG A 333 5.39 -11.74 16.00
N LEU A 334 6.04 -11.24 14.95
CA LEU A 334 5.34 -10.97 13.69
C LEU A 334 4.87 -12.26 13.03
N ARG A 335 5.79 -13.21 12.86
CA ARG A 335 5.48 -14.48 12.20
C ARG A 335 4.39 -15.29 12.92
N SER A 336 4.31 -15.15 14.25
CA SER A 336 3.36 -15.92 15.07
C SER A 336 1.88 -15.64 14.74
N GLU A 337 1.61 -14.52 14.08
CA GLU A 337 0.25 -14.10 13.76
C GLU A 337 -0.19 -14.46 12.33
N LEU A 338 0.68 -15.14 11.58
CA LEU A 338 0.42 -15.38 10.15
C LEU A 338 -0.14 -16.75 9.83
N ASP A 339 -0.58 -17.48 10.85
CA ASP A 339 -1.25 -18.76 10.61
C ASP A 339 -2.53 -18.55 9.77
N PRO A 340 -2.62 -19.24 8.61
CA PRO A 340 -3.78 -19.06 7.73
C PRO A 340 -5.14 -19.24 8.40
N ALA A 341 -5.28 -20.24 9.27
CA ALA A 341 -6.56 -20.47 9.97
C ALA A 341 -6.92 -19.27 10.84
N SER A 342 -5.91 -18.68 11.49
CA SER A 342 -6.11 -17.49 12.32
CA SER A 342 -6.12 -17.50 12.32
C SER A 342 -6.47 -16.27 11.47
N MET A 343 -5.74 -16.07 10.37
CA MET A 343 -6.04 -14.96 9.47
C MET A 343 -7.45 -15.08 8.91
N ARG A 344 -7.85 -16.29 8.54
CA ARG A 344 -9.19 -16.51 8.00
CA ARG A 344 -9.18 -16.55 8.00
C ARG A 344 -10.27 -16.20 9.03
N GLN A 345 -10.12 -16.75 10.24
CA GLN A 345 -11.13 -16.53 11.30
C GLN A 345 -11.26 -15.04 11.64
N ARG A 346 -10.12 -14.37 11.78
CA ARG A 346 -10.11 -12.96 12.15
C ARG A 346 -10.76 -12.11 11.07
N THR A 347 -10.39 -12.39 9.82
CA THR A 347 -10.90 -11.63 8.68
C THR A 347 -12.41 -11.85 8.51
N ARG A 348 -12.85 -13.09 8.72
CA ARG A 348 -14.29 -13.39 8.67
C ARG A 348 -15.02 -12.65 9.79
N GLY A 349 -14.39 -12.53 10.96
CA GLY A 349 -14.96 -11.80 12.08
C GLY A 349 -15.14 -10.32 11.79
N LEU A 350 -14.07 -9.70 11.29
CA LEU A 350 -14.12 -8.29 10.91
C LEU A 350 -15.21 -8.03 9.84
N ALA A 351 -15.22 -8.86 8.79
CA ALA A 351 -16.24 -8.74 7.73
C ALA A 351 -17.65 -8.89 8.31
N THR A 352 -17.83 -9.85 9.22
CA THR A 352 -19.15 -10.11 9.82
C THR A 352 -19.62 -8.94 10.68
N TYR A 353 -18.72 -8.41 11.51
CA TYR A 353 -19.04 -7.24 12.32
C TYR A 353 -19.47 -6.06 11.45
N LEU A 354 -18.70 -5.81 10.39
CA LEU A 354 -19.05 -4.74 9.44
C LEU A 354 -20.42 -5.02 8.83
N HIS A 355 -20.62 -6.23 8.34
CA HIS A 355 -21.88 -6.60 7.70
C HIS A 355 -23.07 -6.37 8.64
N ASN A 356 -22.89 -6.72 9.91
CA ASN A 356 -23.96 -6.66 10.91
C ASN A 356 -24.26 -5.26 11.43
N ASN A 357 -23.41 -4.30 11.07
CA ASN A 357 -23.53 -2.94 11.59
C ASN A 357 -23.76 -1.89 10.50
N PRO A 358 -24.98 -1.32 10.42
CA PRO A 358 -25.23 -0.24 9.45
C PRO A 358 -24.35 0.98 9.70
N ASP A 359 -23.99 1.22 10.96
CA ASP A 359 -23.07 2.32 11.30
C ASP A 359 -21.66 1.77 11.44
N LYS A 360 -20.86 1.95 10.39
CA LYS A 360 -19.50 1.41 10.36
C LYS A 360 -18.44 2.42 10.83
N SER A 361 -18.90 3.57 11.35
CA SER A 361 -18.01 4.69 11.66
C SER A 361 -17.00 4.42 12.79
N ASN A 362 -17.26 3.41 13.62
CA ASN A 362 -16.36 3.06 14.74
C ASN A 362 -15.27 2.05 14.37
N VAL A 363 -15.34 1.50 13.16
CA VAL A 363 -14.39 0.46 12.75
C VAL A 363 -13.17 1.09 12.06
N SER A 364 -11.99 0.69 12.52
CA SER A 364 -10.75 1.20 11.95
C SER A 364 -9.66 0.16 12.12
N LEU A 365 -8.90 -0.08 11.06
CA LEU A 365 -7.75 -0.99 11.11
C LEU A 365 -6.67 -0.51 12.08
N THR A 366 -6.72 0.76 12.47
CA THR A 366 -5.75 1.29 13.42
C THR A 366 -6.44 1.92 14.63
N ALA A 367 -7.55 1.31 15.04
CA ALA A 367 -8.45 1.84 16.09
C ALA A 367 -7.78 2.17 17.43
N ASP A 368 -6.75 1.42 17.80
CA ASP A 368 -6.05 1.70 19.05
C ASP A 368 -4.54 1.95 18.89
N ALA A 369 -4.12 2.30 17.68
CA ALA A 369 -2.72 2.62 17.43
C ALA A 369 -2.43 4.06 17.86
N ASP A 370 -1.47 4.21 18.76
CA ASP A 370 -0.99 5.53 19.17
C ASP A 370 0.16 5.95 18.25
N PRO A 371 -0.03 7.05 17.49
CA PRO A 371 0.99 7.47 16.54
C PRO A 371 2.38 7.74 17.15
N SER A 372 2.41 8.10 18.43
CA SER A 372 3.67 8.36 19.12
C SER A 372 4.53 7.10 19.27
N THR A 373 3.88 5.96 19.49
CA THR A 373 4.58 4.73 19.86
C THR A 373 4.35 3.53 18.94
N SER A 374 3.39 3.66 18.03
CA SER A 374 3.02 2.56 17.14
C SER A 374 3.92 2.49 15.89
N VAL A 375 3.75 1.40 15.15
CA VAL A 375 4.25 1.31 13.77
C VAL A 375 3.07 0.78 12.97
N MET A 376 2.74 1.46 11.87
CA MET A 376 1.67 0.99 10.98
C MET A 376 2.31 0.76 9.63
N LEU A 377 2.60 -0.50 9.30
CA LEU A 377 3.39 -0.85 8.11
C LEU A 377 2.61 -1.67 7.10
N SER A 378 2.71 -1.28 5.83
CA SER A 378 2.20 -2.09 4.73
C SER A 378 3.29 -2.41 3.74
N SER A 379 3.57 -3.71 3.58
CA SER A 379 4.60 -4.15 2.66
C SER A 379 4.05 -4.44 1.28
N TRP A 380 4.57 -3.72 0.30
CA TRP A 380 4.26 -3.97 -1.12
C TRP A 380 5.37 -4.76 -1.78
N ALA A 381 6.24 -5.36 -0.96
CA ALA A 381 7.47 -5.99 -1.46
C ALA A 381 7.24 -7.03 -2.57
N LYS A 382 6.14 -7.76 -2.46
CA LYS A 382 5.88 -8.92 -3.31
C LYS A 382 5.03 -8.62 -4.53
N VAL A 383 4.61 -7.36 -4.71
CA VAL A 383 3.81 -7.03 -5.90
C VAL A 383 4.69 -6.96 -7.15
N GLY A 384 4.06 -7.06 -8.31
CA GLY A 384 4.78 -7.37 -9.55
C GLY A 384 5.17 -6.21 -10.45
N LEU A 385 5.08 -4.98 -9.93
CA LEU A 385 5.20 -3.74 -10.72
C LEU A 385 6.50 -3.57 -11.51
N TRP A 386 7.60 -4.11 -10.99
CA TRP A 386 8.89 -4.03 -11.69
C TRP A 386 8.93 -4.76 -13.04
N ASP A 387 7.91 -5.58 -13.31
CA ASP A 387 7.92 -6.40 -14.52
CA ASP A 387 7.90 -6.43 -14.51
C ASP A 387 7.14 -5.82 -15.70
N TYR A 388 6.43 -4.71 -15.48
CA TYR A 388 5.51 -4.20 -16.52
C TYR A 388 6.13 -3.14 -17.41
N ASP A 389 5.96 -3.29 -18.73
CA ASP A 389 6.53 -2.36 -19.71
C ASP A 389 5.45 -1.59 -20.48
N PHE A 390 4.20 -2.04 -20.36
CA PHE A 390 3.06 -1.37 -21.03
C PHE A 390 3.19 -1.20 -22.54
N GLY A 391 4.01 -2.04 -23.19
CA GLY A 391 4.22 -1.95 -24.65
C GLY A 391 4.81 -0.61 -25.07
N LEU A 392 5.46 0.09 -24.14
CA LEU A 392 5.97 1.44 -24.43
C LEU A 392 7.33 1.44 -25.11
N GLY A 393 8.00 0.28 -25.13
CA GLY A 393 9.33 0.15 -25.73
C GLY A 393 10.44 0.81 -24.93
N LEU A 394 10.22 1.02 -23.64
CA LEU A 394 11.17 1.74 -22.79
C LEU A 394 11.96 0.81 -21.89
N GLY A 395 11.61 -0.47 -21.91
CA GLY A 395 12.18 -1.47 -21.00
C GLY A 395 11.35 -1.51 -19.73
N LYS A 396 11.90 -2.14 -18.69
CA LYS A 396 11.21 -2.21 -17.41
C LYS A 396 11.44 -0.92 -16.60
N PRO A 397 10.62 -0.69 -15.56
CA PRO A 397 10.82 0.49 -14.71
C PRO A 397 12.24 0.56 -14.17
N GLU A 398 12.79 1.77 -14.13
CA GLU A 398 14.08 2.03 -13.53
C GLU A 398 13.96 2.07 -12.00
N THR A 399 12.80 2.55 -11.53
CA THR A 399 12.41 2.46 -10.13
C THR A 399 10.90 2.46 -9.99
N VAL A 400 10.43 2.03 -8.82
CA VAL A 400 9.01 1.97 -8.48
C VAL A 400 8.89 2.54 -7.08
N ARG A 401 8.30 3.74 -7.00
CA ARG A 401 8.28 4.50 -5.73
C ARG A 401 6.90 5.08 -5.43
N ARG A 402 6.56 5.10 -4.15
CA ARG A 402 5.34 5.76 -3.71
C ARG A 402 5.54 7.28 -3.65
N PRO A 403 4.61 8.05 -4.25
CA PRO A 403 4.65 9.52 -4.05
C PRO A 403 4.61 9.98 -2.60
N ILE A 404 5.32 11.07 -2.33
CA ILE A 404 5.23 11.74 -1.03
C ILE A 404 3.87 12.43 -0.90
N PHE A 405 3.34 12.41 0.32
CA PHE A 405 2.14 13.15 0.66
C PHE A 405 2.31 13.70 2.09
N GLU A 406 1.22 14.11 2.72
CA GLU A 406 1.31 14.66 4.08
C GLU A 406 1.97 13.62 5.00
N PRO A 407 2.85 14.07 5.90
CA PRO A 407 3.36 13.15 6.91
C PRO A 407 2.22 12.56 7.72
N VAL A 408 2.32 11.27 8.01
CA VAL A 408 1.38 10.57 8.87
C VAL A 408 2.23 9.78 9.84
N GLU A 409 2.34 10.28 11.08
CA GLU A 409 3.31 9.71 12.02
C GLU A 409 3.15 8.20 12.18
N SER A 410 4.27 7.50 12.02
CA SER A 410 4.38 6.05 12.23
C SER A 410 3.85 5.18 11.09
N LEU A 411 3.31 5.83 10.05
CA LEU A 411 2.93 5.11 8.84
C LEU A 411 4.17 4.74 8.02
N MET A 412 4.20 3.51 7.51
CA MET A 412 5.37 3.03 6.77
C MET A 412 4.97 2.09 5.65
N TYR A 413 5.78 2.09 4.59
CA TYR A 413 5.61 1.16 3.46
C TYR A 413 6.93 0.49 3.08
N PHE A 414 6.83 -0.73 2.56
CA PHE A 414 7.93 -1.30 1.76
C PHE A 414 7.52 -1.21 0.30
N MET A 415 8.42 -0.70 -0.53
CA MET A 415 8.18 -0.68 -1.98
C MET A 415 8.24 -2.09 -2.56
N PRO A 416 7.69 -2.27 -3.78
CA PRO A 416 7.96 -3.54 -4.45
C PRO A 416 9.48 -3.78 -4.52
N LYS A 417 9.89 -4.99 -4.15
CA LYS A 417 11.31 -5.35 -4.09
C LYS A 417 11.96 -5.19 -5.47
N LYS A 418 13.12 -4.52 -5.53
CA LYS A 418 13.88 -4.43 -6.78
C LYS A 418 14.29 -5.86 -7.15
N PRO A 419 14.27 -6.20 -8.45
CA PRO A 419 14.55 -7.58 -8.84
C PRO A 419 15.83 -8.19 -8.22
N ASP A 420 16.86 -7.37 -8.02
CA ASP A 420 18.11 -7.82 -7.38
C ASP A 420 18.00 -8.10 -5.86
N GLY A 421 16.87 -7.74 -5.26
CA GLY A 421 16.63 -7.97 -3.83
C GLY A 421 16.70 -6.72 -2.94
N GLU A 422 17.04 -5.59 -3.54
CA GLU A 422 17.08 -4.33 -2.80
C GLU A 422 15.69 -3.94 -2.31
N PHE A 423 15.62 -3.60 -1.01
CA PHE A 423 14.39 -3.09 -0.43
C PHE A 423 14.44 -1.58 -0.28
N CYS A 424 13.26 -0.95 -0.37
CA CYS A 424 13.13 0.47 -0.09
C CYS A 424 11.98 0.66 0.88
N ALA A 425 12.29 1.18 2.06
CA ALA A 425 11.27 1.45 3.07
C ALA A 425 10.94 2.94 3.14
N ALA A 426 9.65 3.27 3.06
CA ALA A 426 9.19 4.65 3.31
C ALA A 426 8.73 4.78 4.75
N LEU A 427 9.38 5.69 5.49
CA LEU A 427 9.05 5.91 6.90
C LEU A 427 8.54 7.33 7.12
N SER A 428 7.43 7.46 7.85
CA SER A 428 6.96 8.77 8.32
C SER A 428 7.10 8.82 9.82
N LEU A 429 7.88 9.78 10.29
CA LEU A 429 8.18 9.88 11.72
C LEU A 429 8.24 11.35 12.14
N ARG A 430 7.97 11.62 13.41
CA ARG A 430 8.18 12.96 13.92
C ARG A 430 9.66 13.32 13.85
N ASP A 431 9.94 14.61 13.67
CA ASP A 431 11.30 15.07 13.40
C ASP A 431 12.35 14.53 14.37
N GLU A 432 12.04 14.53 15.66
CA GLU A 432 13.06 14.12 16.63
C GLU A 432 13.41 12.63 16.52
N ASP A 433 12.41 11.81 16.18
CA ASP A 433 12.62 10.39 15.86
C ASP A 433 13.39 10.20 14.56
N MET A 434 12.98 10.90 13.51
CA MET A 434 13.67 10.81 12.22
C MET A 434 15.14 11.21 12.32
N ASP A 435 15.41 12.32 13.01
CA ASP A 435 16.77 12.82 13.15
C ASP A 435 17.65 11.84 13.91
N ARG A 436 17.13 11.30 15.01
CA ARG A 436 17.86 10.33 15.82
C ARG A 436 18.09 9.03 15.06
N LEU A 437 17.08 8.60 14.31
CA LEU A 437 17.18 7.38 13.51
C LEU A 437 18.30 7.51 12.49
N LYS A 438 18.35 8.64 11.79
CA LYS A 438 19.33 8.87 10.74
C LYS A 438 20.77 8.89 11.27
N ALA A 439 20.91 9.21 12.56
CA ALA A 439 22.22 9.30 13.21
C ALA A 439 22.55 8.05 14.04
N ASP A 440 21.60 7.12 14.13
CA ASP A 440 21.76 5.90 14.92
C ASP A 440 22.62 4.86 14.18
N LYS A 441 23.75 4.48 14.79
CA LYS A 441 24.72 3.59 14.14
CA LYS A 441 24.71 3.58 14.14
C LYS A 441 24.21 2.15 13.93
N GLU A 442 23.32 1.68 14.79
CA GLU A 442 22.75 0.34 14.63
C GLU A 442 21.78 0.32 13.43
N TRP A 443 21.12 1.45 13.20
CA TRP A 443 20.24 1.64 12.05
C TRP A 443 21.02 1.82 10.76
N THR A 444 21.96 2.77 10.75
CA THR A 444 22.73 3.09 9.54
C THR A 444 23.67 1.97 9.08
N LYS A 445 23.95 1.02 9.98
CA LYS A 445 24.70 -0.17 9.61
C LYS A 445 24.00 -0.89 8.43
N TYR A 446 22.67 -0.81 8.40
CA TYR A 446 21.87 -1.50 7.38
C TYR A 446 21.13 -0.54 6.46
N ALA A 447 20.68 0.59 7.00
CA ALA A 447 19.77 1.50 6.29
C ALA A 447 20.51 2.68 5.68
N GLN A 448 20.32 2.87 4.38
CA GLN A 448 20.88 4.05 3.67
CA GLN A 448 20.89 3.97 3.69
C GLN A 448 19.80 5.07 3.48
N TYR A 449 20.01 6.23 4.08
CA TYR A 449 19.05 7.33 3.92
C TYR A 449 19.03 7.82 2.48
N VAL A 450 17.82 7.95 1.94
CA VAL A 450 17.62 8.51 0.60
C VAL A 450 16.85 9.82 0.66
N GLY A 451 15.73 9.82 1.38
CA GLY A 451 14.88 11.01 1.49
C GLY A 451 13.64 10.96 0.60
N1A COA B . 11.46 -23.05 5.79
C2A COA B . 12.08 -21.82 5.79
N3A COA B . 11.44 -20.71 5.28
C4A COA B . 10.19 -20.84 4.78
C5A COA B . 9.54 -22.08 4.77
C6A COA B . 10.19 -23.21 5.29
N6A COA B . 9.69 -24.42 5.06
N7A COA B . 8.31 -21.92 4.22
C8A COA B . 8.17 -20.61 3.87
N9A COA B . 9.32 -19.94 4.21
C1B COA B . 9.63 -18.53 3.98
C2B COA B . 9.87 -18.30 2.50
O2B COA B . 11.17 -18.69 2.14
C3B COA B . 9.65 -16.81 2.40
O3B COA B . 10.73 -16.15 2.97
P3B COA B . 11.74 -15.29 2.09
O7A COA B . 10.93 -14.24 1.35
O8A COA B . 12.40 -16.26 1.14
O9A COA B . 12.75 -14.67 3.01
C4B COA B . 8.55 -16.58 3.39
O4B COA B . 8.54 -17.67 4.30
C5B COA B . 7.22 -16.41 2.70
O5B COA B . 6.42 -15.97 3.74
P1A COA B . 5.05 -15.22 3.46
O1A COA B . 4.29 -15.91 2.33
O2A COA B . 4.27 -15.13 4.76
O3A COA B . 5.44 -13.81 2.83
P2A COA B . 6.39 -12.68 3.43
O4A COA B . 7.37 -12.28 2.36
O5A COA B . 7.00 -13.07 4.75
O6A COA B . 5.38 -11.49 3.70
CBP COA B . 3.35 -10.50 4.44
CCP COA B . 4.43 -11.53 4.75
CDP COA B . 3.98 -9.11 4.34
CEP COA B . 2.34 -10.47 5.59
CAP COA B . 2.70 -10.92 3.12
OAP COA B . 2.10 -12.20 3.22
C9P COA B . 1.63 -9.96 2.68
O9P COA B . 0.32 -10.18 3.13
N8P COA B . 2.03 -8.97 1.90
C7P COA B . 1.13 -7.94 1.44
C6P COA B . 0.87 -6.93 2.54
C5P COA B . -0.04 -5.88 1.95
O5P COA B . -1.05 -6.23 1.32
N4P COA B . 0.33 -4.62 2.15
S1 MPO C . 30.50 -6.75 10.05
O1 MPO C . 29.90 -8.05 10.16
O2 MPO C . 29.89 -5.83 11.06
O4 MPO C . 24.85 -4.20 5.08
N1 MPO C . 27.11 -5.36 6.31
C1 MPO C . 30.21 -6.09 8.38
O3 MPO C . 31.98 -6.85 10.30
C2 MPO C . 28.74 -6.12 7.98
C3 MPO C . 28.51 -5.24 6.77
C4 MPO C . 26.25 -4.39 7.03
C5 MPO C . 24.82 -4.49 6.50
C6 MPO C . 25.61 -5.19 4.35
C7 MPO C . 27.07 -5.18 4.84
O18 ZBA D . -3.44 6.08 8.30
C44 ZBA D . -4.30 6.24 7.53
C45 ZBA D . -5.52 7.08 7.73
C46 ZBA D . -5.43 8.33 6.99
C48 ZBA D . -4.28 9.09 7.41
C47 ZBA D . -6.54 9.32 7.18
O17 ZBA D . -4.26 5.68 6.32
C31 ZBA D . -3.07 5.01 5.85
C30 ZBA D . -3.01 3.59 6.31
C32 ZBA D . -3.08 5.20 4.38
C39 ZBA D . -3.00 6.65 3.95
C33 ZBA D . -3.18 4.20 3.57
C34 ZBA D . -3.28 2.77 3.98
O10 ZBA D . -1.94 2.27 3.84
C29 ZBA D . -3.75 2.58 5.43
C38 ZBA D . -5.25 2.84 5.49
O12 ZBA D . -5.62 3.28 6.80
C40 ZBA D . -6.76 2.90 7.35
C41 ZBA D . -6.91 3.54 8.71
O13 ZBA D . -7.53 2.20 6.91
C28 ZBA D . -3.45 1.08 5.87
C37 ZBA D . -4.02 0.70 7.25
C35 ZBA D . -1.94 0.89 5.76
C25 ZBA D . -1.72 0.97 4.30
C36 ZBA D . -0.95 0.89 6.80
O11 ZBA D . -1.48 -0.34 6.36
C27 ZBA D . -3.90 0.10 4.73
C26 ZBA D . -2.73 0.00 3.79
O16 ZBA D . -3.07 0.23 2.45
O14 ZBA D . -4.06 -1.18 5.37
C42 ZBA D . -4.86 -2.16 4.98
O15 ZBA D . -4.94 -3.19 5.56
C43 ZBA D . -5.56 -1.82 3.77
#